data_7D2U
#
_entry.id   7D2U
#
_cell.length_a   51.354
_cell.length_b   144.397
_cell.length_c   185.043
_cell.angle_alpha   90.000
_cell.angle_beta   90.000
_cell.angle_gamma   90.000
#
_symmetry.space_group_name_H-M   'I 2 2 2'
#
loop_
_entity.id
_entity.type
_entity.pdbx_description
1 polymer 'Ras suppressor protein 1'
2 polymer 'LIM and senescent cell antigen-like-containing domain protein 1'
3 non-polymer 'MALONATE ION'
4 non-polymer GLYCEROL
5 non-polymer 'ZINC ION'
#
loop_
_entity_poly.entity_id
_entity_poly.type
_entity_poly.pdbx_seq_one_letter_code
_entity_poly.pdbx_strand_id
1 'polypeptide(L)'
;GAMGSMSKSLKKLVEESREKNQPEVDMSDRGISNMLDVNGLFTLSHITQLVLSHNKLTMVPPNIAELKNLEVLNFFNNQI
EELPTQISSLQKLKHLNLGMNRLNTLPRGFGSLPALEVLDLTYNNLSENSLPGNFFYLTTLRALYLSDNDFEILPPDIGK
LTKLQILSLRDNDLISLPKEIGELTQLKELHIQGNRLTVLPPELGNLDLTGQKQVFKAENNPWVTPIADQFQLGVSHVFE
YIRSETYKYLYGRHMQANPEPPKKNNDKSKKISRKPLAAKNR
;
A
2 'polypeptide(L)'
;GPGSMGVPICGACRRPIEGRVVNAMGKQWHVEHFVCAKCEKPFLGHRHYERKGLAYCETHYNQLFGDVCFHCNRVIEGDV
VSALNKAWCVNCFACSTCNTKLTLKNKFVEFDMKPVCKKCYEKFPLELKKRLKKLAETLGRK
;
B
#
loop_
_chem_comp.id
_chem_comp.type
_chem_comp.name
_chem_comp.formula
GOL non-polymer GLYCEROL 'C3 H8 O3'
MLI non-polymer 'MALONATE ION' 'C3 H2 O4 -2'
ZN non-polymer 'ZINC ION' 'Zn 2'
#
# COMPACT_ATOMS: atom_id res chain seq x y z
N LEU A 10 28.80 1.52 13.43
CA LEU A 10 28.49 1.41 12.02
C LEU A 10 29.42 0.40 11.31
N LYS A 11 30.56 0.13 11.92
CA LYS A 11 31.54 -0.79 11.34
C LYS A 11 31.29 -2.21 11.83
N LYS A 12 30.19 -2.40 12.54
CA LYS A 12 29.86 -3.70 13.11
C LYS A 12 28.66 -4.34 12.42
N LEU A 13 27.80 -3.49 11.84
CA LEU A 13 26.62 -3.97 11.15
C LEU A 13 26.92 -4.27 9.68
N VAL A 14 28.15 -3.95 9.26
CA VAL A 14 28.57 -4.17 7.88
C VAL A 14 29.36 -5.47 7.76
N GLU A 15 30.22 -5.74 8.73
CA GLU A 15 31.06 -6.92 8.71
C GLU A 15 30.27 -8.19 9.02
N GLU A 16 29.20 -8.06 9.80
CA GLU A 16 28.39 -9.20 10.20
C GLU A 16 27.40 -9.63 9.13
N SER A 17 27.15 -8.73 8.18
CA SER A 17 26.05 -8.93 7.24
C SER A 17 26.40 -9.80 6.03
N ARG A 18 27.69 -9.97 5.76
CA ARG A 18 28.10 -10.71 4.57
C ARG A 18 28.53 -12.14 4.89
N GLU A 19 29.11 -12.34 6.06
CA GLU A 19 29.55 -13.68 6.44
C GLU A 19 28.37 -14.54 6.91
N LYS A 20 27.43 -13.92 7.60
CA LYS A 20 26.24 -14.61 8.05
C LYS A 20 25.08 -14.40 7.07
N ASN A 21 25.33 -13.57 6.06
CA ASN A 21 24.37 -13.33 4.98
C ASN A 21 23.03 -12.79 5.46
N GLN A 22 23.07 -11.61 6.08
CA GLN A 22 21.85 -10.90 6.47
C GLN A 22 21.35 -10.06 5.31
N PRO A 23 20.18 -10.42 4.76
CA PRO A 23 19.62 -9.70 3.61
C PRO A 23 18.98 -8.36 3.99
N GLU A 24 18.71 -8.18 5.28
CA GLU A 24 18.07 -6.96 5.76
C GLU A 24 19.01 -6.18 6.69
N VAL A 25 19.17 -4.90 6.39
CA VAL A 25 20.07 -4.03 7.17
C VAL A 25 19.31 -2.89 7.83
N ASP A 26 19.43 -2.78 9.15
CA ASP A 26 18.75 -1.72 9.89
C ASP A 26 19.76 -0.77 10.54
N MET A 27 19.89 0.42 9.97
CA MET A 27 20.76 1.45 10.53
C MET A 27 19.95 2.70 10.85
N SER A 28 18.77 2.50 11.42
CA SER A 28 17.88 3.60 11.75
C SER A 28 18.34 4.32 13.01
N ASP A 29 18.27 5.64 12.98
CA ASP A 29 18.63 6.50 14.11
C ASP A 29 20.04 6.21 14.61
N ARG A 30 21.01 6.33 13.70
CA ARG A 30 22.41 6.09 14.04
C ARG A 30 23.26 7.34 13.84
N GLY A 31 22.61 8.48 13.65
CA GLY A 31 23.29 9.76 13.51
C GLY A 31 24.15 9.84 12.26
N ILE A 32 23.72 9.17 11.20
CA ILE A 32 24.45 9.16 9.94
C ILE A 32 24.12 10.39 9.10
N SER A 33 25.15 11.15 8.74
CA SER A 33 24.98 12.34 7.91
C SER A 33 25.46 12.10 6.49
N ASN A 34 26.19 10.99 6.29
CA ASN A 34 26.72 10.65 4.98
C ASN A 34 26.89 9.14 4.85
N MET A 35 26.33 8.57 3.78
CA MET A 35 26.37 7.13 3.56
C MET A 35 27.79 6.65 3.25
N LEU A 36 28.62 7.56 2.78
CA LEU A 36 30.02 7.24 2.48
C LEU A 36 30.82 7.06 3.75
N ASP A 37 30.32 7.61 4.85
CA ASP A 37 30.97 7.47 6.14
C ASP A 37 30.64 6.14 6.79
N VAL A 38 29.64 5.45 6.25
CA VAL A 38 29.30 4.11 6.69
C VAL A 38 30.29 3.12 6.11
N ASN A 39 31.21 2.66 6.94
CA ASN A 39 32.33 1.83 6.51
C ASN A 39 31.92 0.54 5.81
N GLY A 40 32.22 0.46 4.51
CA GLY A 40 32.00 -0.75 3.75
C GLY A 40 30.56 -1.00 3.36
N LEU A 41 29.74 0.05 3.43
CA LEU A 41 28.32 -0.06 3.15
C LEU A 41 28.02 -0.48 1.71
N PHE A 42 28.72 0.12 0.77
CA PHE A 42 28.43 -0.09 -0.65
C PHE A 42 29.14 -1.32 -1.23
N THR A 43 29.63 -2.19 -0.35
CA THR A 43 30.20 -3.46 -0.77
C THR A 43 29.20 -4.59 -0.53
N LEU A 44 28.13 -4.24 0.19
CA LEU A 44 27.08 -5.20 0.51
C LEU A 44 26.06 -5.33 -0.61
N SER A 45 26.51 -5.86 -1.74
CA SER A 45 25.66 -5.99 -2.93
C SER A 45 24.58 -7.05 -2.76
N HIS A 46 24.66 -7.83 -1.69
CA HIS A 46 23.77 -8.95 -1.48
C HIS A 46 22.48 -8.58 -0.74
N ILE A 47 22.49 -7.43 -0.08
CA ILE A 47 21.36 -7.02 0.74
C ILE A 47 20.13 -6.70 -0.11
N THR A 48 18.95 -6.93 0.47
CA THR A 48 17.69 -6.70 -0.23
C THR A 48 16.86 -5.63 0.45
N GLN A 49 17.22 -5.29 1.69
CA GLN A 49 16.51 -4.26 2.44
C GLN A 49 17.49 -3.37 3.21
N LEU A 50 17.35 -2.06 3.02
CA LEU A 50 18.19 -1.10 3.71
C LEU A 50 17.35 0.00 4.37
N VAL A 51 17.44 0.09 5.69
CA VAL A 51 16.69 1.10 6.43
C VAL A 51 17.63 2.14 7.01
N LEU A 52 17.52 3.37 6.53
CA LEU A 52 18.34 4.47 7.00
C LEU A 52 17.47 5.61 7.54
N SER A 53 16.31 5.25 8.07
CA SER A 53 15.36 6.24 8.57
C SER A 53 15.87 6.96 9.82
N HIS A 54 15.37 8.17 10.03
CA HIS A 54 15.67 8.98 11.21
C HIS A 54 17.16 9.30 11.37
N ASN A 55 17.81 9.62 10.26
CA ASN A 55 19.21 10.05 10.31
C ASN A 55 19.36 11.51 9.91
N LYS A 56 20.56 11.87 9.44
CA LYS A 56 20.85 13.25 9.09
C LYS A 56 21.39 13.38 7.66
N LEU A 57 20.87 12.56 6.75
CA LEU A 57 21.29 12.59 5.35
C LEU A 57 20.75 13.82 4.64
N THR A 58 21.61 14.49 3.88
CA THR A 58 21.19 15.65 3.10
C THR A 58 21.18 15.30 1.61
N MET A 59 21.75 14.15 1.28
CA MET A 59 21.86 13.72 -0.10
C MET A 59 22.06 12.21 -0.19
N VAL A 60 21.85 11.66 -1.38
CA VAL A 60 22.11 10.25 -1.64
C VAL A 60 23.13 10.12 -2.76
N PRO A 61 24.24 9.43 -2.49
CA PRO A 61 25.30 9.25 -3.49
C PRO A 61 24.90 8.28 -4.60
N PRO A 62 25.53 8.40 -5.77
CA PRO A 62 25.27 7.49 -6.89
C PRO A 62 25.66 6.05 -6.56
N ASN A 63 26.48 5.89 -5.53
CA ASN A 63 26.92 4.57 -5.08
C ASN A 63 25.76 3.66 -4.69
N ILE A 64 24.59 4.27 -4.47
CA ILE A 64 23.37 3.54 -4.18
C ILE A 64 23.05 2.55 -5.31
N ALA A 65 23.56 2.81 -6.50
CA ALA A 65 23.34 1.95 -7.64
C ALA A 65 24.06 0.61 -7.49
N GLU A 66 25.12 0.59 -6.68
CA GLU A 66 25.87 -0.64 -6.46
C GLU A 66 25.07 -1.67 -5.68
N LEU A 67 24.15 -1.19 -4.85
CA LEU A 67 23.25 -2.09 -4.12
C LEU A 67 22.10 -2.50 -5.02
N LYS A 68 22.41 -3.29 -6.04
CA LYS A 68 21.46 -3.60 -7.10
C LYS A 68 20.32 -4.54 -6.68
N ASN A 69 20.51 -5.23 -5.55
CA ASN A 69 19.50 -6.19 -5.11
C ASN A 69 18.55 -5.63 -4.06
N LEU A 70 18.57 -4.32 -3.88
CA LEU A 70 17.67 -3.68 -2.94
C LEU A 70 16.21 -3.84 -3.37
N GLU A 71 15.38 -4.32 -2.45
CA GLU A 71 13.95 -4.45 -2.70
C GLU A 71 13.18 -3.46 -1.84
N VAL A 72 13.71 -3.18 -0.65
CA VAL A 72 13.13 -2.20 0.25
C VAL A 72 14.16 -1.13 0.61
N LEU A 73 13.85 0.11 0.29
CA LEU A 73 14.76 1.22 0.57
C LEU A 73 14.02 2.34 1.31
N ASN A 74 14.43 2.59 2.55
CA ASN A 74 13.73 3.51 3.43
C ASN A 74 14.60 4.69 3.87
N PHE A 75 14.26 5.88 3.39
CA PHE A 75 14.97 7.10 3.76
C PHE A 75 14.08 8.04 4.57
N PHE A 76 13.13 7.48 5.30
CA PHE A 76 12.14 8.28 6.03
C PHE A 76 12.80 9.19 7.06
N ASN A 77 12.35 10.44 7.10
CA ASN A 77 12.82 11.43 8.07
C ASN A 77 14.32 11.70 8.00
N ASN A 78 14.76 12.28 6.89
CA ASN A 78 16.10 12.83 6.77
C ASN A 78 16.01 14.27 6.30
N GLN A 79 17.09 14.79 5.75
CA GLN A 79 17.07 16.15 5.20
C GLN A 79 17.53 16.13 3.74
N ILE A 80 17.17 15.06 3.03
CA ILE A 80 17.59 14.88 1.65
C ILE A 80 16.96 15.91 0.73
N GLU A 81 17.81 16.60 -0.03
CA GLU A 81 17.36 17.71 -0.87
C GLU A 81 17.29 17.31 -2.35
N GLU A 82 18.06 16.30 -2.75
CA GLU A 82 18.00 15.79 -4.11
C GLU A 82 18.46 14.34 -4.20
N LEU A 83 18.09 13.68 -5.30
CA LEU A 83 18.45 12.30 -5.53
C LEU A 83 19.24 12.16 -6.83
N PRO A 84 20.14 11.16 -6.90
CA PRO A 84 20.89 10.91 -8.13
C PRO A 84 20.03 10.16 -9.13
N THR A 85 20.32 10.31 -10.43
CA THR A 85 19.58 9.58 -11.45
C THR A 85 19.75 8.07 -11.24
N GLN A 86 20.91 7.68 -10.74
CA GLN A 86 21.23 6.29 -10.46
C GLN A 86 20.18 5.60 -9.59
N ILE A 87 19.40 6.38 -8.86
CA ILE A 87 18.35 5.84 -8.00
C ILE A 87 17.34 5.00 -8.80
N SER A 88 17.26 5.25 -10.11
CA SER A 88 16.29 4.55 -10.94
C SER A 88 16.90 3.30 -11.59
N SER A 89 18.10 2.92 -11.15
CA SER A 89 18.77 1.75 -11.71
C SER A 89 18.55 0.51 -10.86
N LEU A 90 17.87 0.68 -9.73
CA LEU A 90 17.57 -0.44 -8.84
C LEU A 90 16.46 -1.31 -9.43
N GLN A 91 16.86 -2.36 -10.14
CA GLN A 91 15.93 -3.20 -10.88
C GLN A 91 15.00 -4.01 -9.98
N LYS A 92 15.46 -4.32 -8.78
CA LYS A 92 14.70 -5.18 -7.88
C LYS A 92 13.94 -4.38 -6.83
N LEU A 93 13.97 -3.05 -6.95
CA LEU A 93 13.34 -2.18 -5.97
C LEU A 93 11.82 -2.26 -6.02
N LYS A 94 11.20 -2.54 -4.88
CA LYS A 94 9.76 -2.63 -4.78
C LYS A 94 9.18 -1.53 -3.88
N HIS A 95 9.85 -1.27 -2.76
CA HIS A 95 9.39 -0.25 -1.82
C HIS A 95 10.41 0.87 -1.66
N LEU A 96 9.95 2.10 -1.87
CA LEU A 96 10.81 3.27 -1.71
C LEU A 96 10.13 4.33 -0.85
N ASN A 97 10.63 4.51 0.37
CA ASN A 97 10.06 5.48 1.29
C ASN A 97 10.94 6.72 1.39
N LEU A 98 10.47 7.81 0.79
CA LEU A 98 11.18 9.09 0.82
C LEU A 98 10.42 10.10 1.66
N GLY A 99 9.54 9.57 2.52
CA GLY A 99 8.70 10.41 3.36
C GLY A 99 9.47 11.27 4.34
N MET A 100 8.94 12.46 4.60
CA MET A 100 9.50 13.38 5.57
C MET A 100 10.93 13.79 5.23
N ASN A 101 11.09 14.38 4.04
CA ASN A 101 12.37 14.95 3.65
C ASN A 101 12.21 16.37 3.15
N ARG A 102 13.18 16.84 2.37
CA ARG A 102 13.14 18.21 1.85
C ARG A 102 13.29 18.22 0.34
N LEU A 103 12.60 17.28 -0.31
CA LEU A 103 12.62 17.16 -1.76
C LEU A 103 11.59 18.08 -2.42
N ASN A 104 12.05 18.88 -3.37
CA ASN A 104 11.14 19.69 -4.18
C ASN A 104 11.28 19.30 -5.65
N THR A 105 12.19 18.36 -5.92
CA THR A 105 12.42 17.86 -7.27
C THR A 105 12.72 16.36 -7.26
N LEU A 106 12.50 15.73 -8.41
CA LEU A 106 12.88 14.33 -8.61
C LEU A 106 13.83 14.25 -9.81
N PRO A 107 14.85 13.38 -9.72
CA PRO A 107 15.89 13.34 -10.76
C PRO A 107 15.38 12.92 -12.13
N ARG A 108 16.18 13.17 -13.16
CA ARG A 108 15.82 12.83 -14.53
C ARG A 108 15.68 11.32 -14.71
N GLY A 109 14.57 10.90 -15.30
CA GLY A 109 14.32 9.51 -15.57
C GLY A 109 14.00 8.69 -14.33
N PHE A 110 13.41 9.35 -13.33
CA PHE A 110 13.06 8.70 -12.08
C PHE A 110 11.99 7.63 -12.28
N GLY A 111 11.15 7.82 -13.29
CA GLY A 111 10.05 6.90 -13.55
C GLY A 111 10.48 5.65 -14.30
N SER A 112 11.78 5.41 -14.34
CA SER A 112 12.32 4.25 -15.06
C SER A 112 12.34 3.00 -14.19
N LEU A 113 11.95 3.15 -12.92
CA LEU A 113 11.89 2.02 -12.01
C LEU A 113 10.85 1.02 -12.47
N PRO A 114 11.29 -0.18 -12.86
CA PRO A 114 10.44 -1.18 -13.51
C PRO A 114 9.62 -2.04 -12.55
N ALA A 115 9.98 -2.05 -11.27
CA ALA A 115 9.35 -2.96 -10.32
C ALA A 115 8.81 -2.24 -9.08
N LEU A 116 8.75 -0.91 -9.13
CA LEU A 116 8.27 -0.12 -8.00
C LEU A 116 6.79 -0.33 -7.77
N GLU A 117 6.43 -0.78 -6.57
CA GLU A 117 5.05 -1.05 -6.23
C GLU A 117 4.50 -0.02 -5.25
N VAL A 118 5.33 0.38 -4.30
CA VAL A 118 4.92 1.35 -3.27
C VAL A 118 5.87 2.54 -3.23
N LEU A 119 5.34 3.72 -3.50
CA LEU A 119 6.12 4.95 -3.43
C LEU A 119 5.53 5.92 -2.42
N ASP A 120 6.31 6.23 -1.39
CA ASP A 120 5.88 7.15 -0.34
C ASP A 120 6.66 8.45 -0.40
N LEU A 121 5.98 9.53 -0.78
CA LEU A 121 6.59 10.85 -0.87
C LEU A 121 5.94 11.84 0.09
N THR A 122 5.40 11.31 1.18
CA THR A 122 4.67 12.11 2.16
C THR A 122 5.57 13.14 2.85
N TYR A 123 5.03 14.34 3.06
CA TYR A 123 5.69 15.40 3.82
C TYR A 123 7.01 15.84 3.20
N ASN A 124 6.92 16.47 2.02
CA ASN A 124 8.07 17.09 1.39
C ASN A 124 7.76 18.50 0.92
N ASN A 125 8.34 18.89 -0.21
CA ASN A 125 8.09 20.19 -0.82
C ASN A 125 7.77 20.00 -2.30
N LEU A 126 6.96 18.99 -2.60
CA LEU A 126 6.72 18.59 -3.98
C LEU A 126 5.46 19.21 -4.60
N SER A 127 5.57 19.58 -5.87
CA SER A 127 4.41 20.02 -6.64
C SER A 127 4.40 19.24 -7.95
N GLU A 128 3.49 19.62 -8.86
CA GLU A 128 3.41 18.93 -10.15
C GLU A 128 4.66 19.14 -10.98
N ASN A 129 5.29 20.30 -10.81
CA ASN A 129 6.51 20.61 -11.54
C ASN A 129 7.72 19.82 -11.03
N SER A 130 7.55 19.18 -9.87
CA SER A 130 8.60 18.38 -9.27
C SER A 130 8.77 17.04 -9.98
N LEU A 131 7.71 16.60 -10.65
CA LEU A 131 7.70 15.30 -11.32
C LEU A 131 8.38 15.35 -12.68
N PRO A 132 9.27 14.40 -12.95
CA PRO A 132 9.92 14.27 -14.26
C PRO A 132 8.90 13.87 -15.33
N GLY A 133 9.29 13.98 -16.60
CA GLY A 133 8.40 13.68 -17.70
C GLY A 133 7.92 12.25 -17.72
N ASN A 134 8.79 11.34 -17.28
CA ASN A 134 8.50 9.91 -17.33
C ASN A 134 8.05 9.34 -15.99
N PHE A 135 7.61 10.23 -15.09
CA PHE A 135 7.21 9.80 -13.75
C PHE A 135 6.08 8.78 -13.79
N PHE A 136 5.18 8.91 -14.75
CA PHE A 136 4.03 8.02 -14.82
C PHE A 136 4.30 6.81 -15.71
N TYR A 137 5.59 6.50 -15.90
CA TYR A 137 5.98 5.24 -16.50
C TYR A 137 5.99 4.16 -15.43
N LEU A 138 5.85 4.59 -14.18
CA LEU A 138 5.80 3.69 -13.04
C LEU A 138 4.45 2.98 -12.94
N THR A 139 4.12 2.22 -13.98
CA THR A 139 2.80 1.61 -14.08
C THR A 139 2.63 0.40 -13.15
N THR A 140 3.70 0.03 -12.45
CA THR A 140 3.64 -1.09 -11.53
C THR A 140 3.26 -0.66 -10.12
N LEU A 141 3.11 0.64 -9.94
CA LEU A 141 2.73 1.19 -8.63
C LEU A 141 1.30 0.80 -8.25
N ARG A 142 1.12 0.42 -7.00
CA ARG A 142 -0.19 0.10 -6.47
C ARG A 142 -0.52 0.96 -5.27
N ALA A 143 0.48 1.71 -4.80
CA ALA A 143 0.32 2.62 -3.68
C ALA A 143 1.21 3.85 -3.84
N LEU A 144 0.58 5.02 -3.89
CA LEU A 144 1.31 6.28 -4.03
C LEU A 144 0.84 7.30 -2.99
N TYR A 145 1.73 7.67 -2.09
CA TYR A 145 1.40 8.62 -1.03
C TYR A 145 2.04 9.98 -1.29
N LEU A 146 1.20 10.98 -1.56
CA LEU A 146 1.66 12.34 -1.81
C LEU A 146 1.13 13.29 -0.74
N SER A 147 0.87 12.76 0.44
CA SER A 147 0.31 13.54 1.54
C SER A 147 1.28 14.62 2.00
N ASP A 148 0.72 15.73 2.49
CA ASP A 148 1.48 16.87 2.99
C ASP A 148 2.51 17.38 1.98
N ASN A 149 2.03 17.85 0.83
CA ASN A 149 2.90 18.48 -0.15
C ASN A 149 2.27 19.75 -0.72
N ASP A 150 2.77 20.22 -1.86
CA ASP A 150 2.34 21.50 -2.41
C ASP A 150 1.79 21.39 -3.82
N PHE A 151 1.15 20.26 -4.12
CA PHE A 151 0.53 20.06 -5.41
C PHE A 151 -0.69 20.95 -5.59
N GLU A 152 -0.66 21.80 -6.63
CA GLU A 152 -1.83 22.60 -6.96
C GLU A 152 -2.68 21.87 -7.99
N ILE A 153 -2.01 21.22 -8.94
CA ILE A 153 -2.69 20.49 -10.01
C ILE A 153 -2.13 19.08 -10.16
N LEU A 154 -3.02 18.09 -10.13
CA LEU A 154 -2.60 16.71 -10.35
C LEU A 154 -2.70 16.37 -11.84
N PRO A 155 -1.56 16.01 -12.45
CA PRO A 155 -1.48 15.70 -13.88
C PRO A 155 -2.42 14.56 -14.29
N PRO A 156 -3.03 14.67 -15.48
CA PRO A 156 -3.96 13.66 -16.00
C PRO A 156 -3.31 12.29 -16.17
N ASP A 157 -1.99 12.27 -16.37
CA ASP A 157 -1.25 11.02 -16.56
C ASP A 157 -1.34 10.11 -15.33
N ILE A 158 -1.97 10.60 -14.27
CA ILE A 158 -2.29 9.77 -13.11
C ILE A 158 -3.12 8.57 -13.53
N GLY A 159 -3.88 8.73 -14.61
CA GLY A 159 -4.70 7.64 -15.14
C GLY A 159 -3.88 6.49 -15.70
N LYS A 160 -2.59 6.74 -15.95
CA LYS A 160 -1.72 5.72 -16.51
C LYS A 160 -1.30 4.69 -15.46
N LEU A 161 -1.42 5.04 -14.19
CA LEU A 161 -1.10 4.12 -13.10
C LEU A 161 -2.26 3.17 -12.84
N THR A 162 -2.50 2.27 -13.78
CA THR A 162 -3.70 1.44 -13.79
C THR A 162 -3.75 0.40 -12.67
N LYS A 163 -2.61 0.15 -12.02
CA LYS A 163 -2.54 -0.86 -10.97
C LYS A 163 -2.61 -0.23 -9.58
N LEU A 164 -2.86 1.08 -9.55
CA LEU A 164 -2.89 1.82 -8.30
C LEU A 164 -4.10 1.45 -7.45
N GLN A 165 -3.85 1.06 -6.19
CA GLN A 165 -4.91 0.72 -5.26
C GLN A 165 -5.08 1.80 -4.20
N ILE A 166 -3.99 2.49 -3.90
CA ILE A 166 -3.98 3.53 -2.88
C ILE A 166 -3.39 4.82 -3.41
N LEU A 167 -4.12 5.91 -3.28
CA LEU A 167 -3.64 7.23 -3.67
C LEU A 167 -3.96 8.27 -2.61
N SER A 168 -2.93 8.86 -2.03
CA SER A 168 -3.11 9.85 -0.98
C SER A 168 -2.65 11.24 -1.41
N LEU A 169 -3.59 12.18 -1.43
CA LEU A 169 -3.29 13.56 -1.78
C LEU A 169 -3.68 14.48 -0.62
N ARG A 170 -3.62 13.93 0.58
CA ARG A 170 -4.03 14.65 1.78
C ARG A 170 -3.17 15.89 2.03
N ASP A 171 -3.83 17.00 2.37
CA ASP A 171 -3.16 18.23 2.76
C ASP A 171 -2.22 18.78 1.69
N ASN A 172 -2.73 18.92 0.48
CA ASN A 172 -2.01 19.62 -0.58
C ASN A 172 -2.65 20.97 -0.88
N ASP A 173 -2.54 21.42 -2.12
CA ASP A 173 -3.08 22.70 -2.53
C ASP A 173 -3.94 22.52 -3.78
N LEU A 174 -4.58 21.35 -3.87
CA LEU A 174 -5.37 20.97 -5.03
C LEU A 174 -6.63 21.81 -5.18
N ILE A 175 -6.79 22.40 -6.36
CA ILE A 175 -7.98 23.16 -6.69
C ILE A 175 -8.96 22.25 -7.44
N SER A 176 -8.42 21.25 -8.13
CA SER A 176 -9.25 20.33 -8.89
C SER A 176 -8.65 18.92 -8.95
N LEU A 177 -9.51 17.94 -9.18
CA LEU A 177 -9.08 16.57 -9.42
C LEU A 177 -9.24 16.23 -10.89
N PRO A 178 -8.23 15.56 -11.48
CA PRO A 178 -8.32 15.12 -12.87
C PRO A 178 -9.35 14.00 -13.03
N LYS A 179 -10.07 14.00 -14.15
CA LYS A 179 -11.10 12.99 -14.38
C LYS A 179 -10.47 11.62 -14.60
N GLU A 180 -9.19 11.62 -14.94
CA GLU A 180 -8.46 10.39 -15.24
C GLU A 180 -8.33 9.48 -14.01
N ILE A 181 -8.61 10.02 -12.84
CA ILE A 181 -8.64 9.23 -11.61
C ILE A 181 -9.70 8.14 -11.74
N GLY A 182 -10.74 8.43 -12.52
CA GLY A 182 -11.79 7.46 -12.78
C GLY A 182 -11.31 6.24 -13.54
N GLU A 183 -10.13 6.34 -14.14
CA GLU A 183 -9.56 5.24 -14.91
C GLU A 183 -8.81 4.25 -14.02
N LEU A 184 -8.65 4.61 -12.75
CA LEU A 184 -7.96 3.76 -11.79
C LEU A 184 -8.92 2.71 -11.21
N THR A 185 -9.11 1.62 -11.96
CA THR A 185 -10.11 0.62 -11.61
C THR A 185 -9.72 -0.25 -10.42
N GLN A 186 -8.50 -0.07 -9.93
CA GLN A 186 -8.00 -0.92 -8.84
C GLN A 186 -7.97 -0.18 -7.50
N LEU A 187 -8.36 1.08 -7.52
CA LEU A 187 -8.26 1.94 -6.34
C LEU A 187 -9.11 1.45 -5.18
N LYS A 188 -8.49 1.37 -4.00
CA LYS A 188 -9.18 1.00 -2.78
C LYS A 188 -9.25 2.18 -1.82
N GLU A 189 -8.18 2.97 -1.80
CA GLU A 189 -8.08 4.12 -0.92
C GLU A 189 -7.83 5.41 -1.68
N LEU A 190 -8.61 6.43 -1.35
CA LEU A 190 -8.40 7.77 -1.92
C LEU A 190 -8.43 8.83 -0.83
N HIS A 191 -7.26 9.40 -0.54
CA HIS A 191 -7.14 10.41 0.50
C HIS A 191 -6.98 11.81 -0.10
N ILE A 192 -8.01 12.64 0.03
CA ILE A 192 -7.99 13.98 -0.56
C ILE A 192 -8.42 15.07 0.42
N GLN A 193 -8.24 14.81 1.72
CA GLN A 193 -8.61 15.78 2.75
C GLN A 193 -7.64 16.96 2.79
N GLY A 194 -8.10 18.09 3.30
CA GLY A 194 -7.24 19.23 3.53
C GLY A 194 -6.74 19.95 2.29
N ASN A 195 -7.52 19.88 1.21
CA ASN A 195 -7.19 20.60 -0.01
C ASN A 195 -8.09 21.81 -0.21
N ARG A 196 -8.21 22.26 -1.45
CA ARG A 196 -9.06 23.38 -1.80
C ARG A 196 -10.05 22.98 -2.87
N LEU A 197 -10.44 21.70 -2.85
CA LEU A 197 -11.39 21.16 -3.82
C LEU A 197 -12.79 21.70 -3.58
N THR A 198 -13.47 22.07 -4.66
CA THR A 198 -14.84 22.57 -4.55
C THR A 198 -15.82 21.60 -5.20
N VAL A 199 -15.38 20.94 -6.27
CA VAL A 199 -16.22 19.98 -6.97
C VAL A 199 -15.46 18.71 -7.31
N LEU A 200 -16.22 17.63 -7.55
CA LEU A 200 -15.64 16.36 -7.96
C LEU A 200 -16.02 16.05 -9.40
N PRO A 201 -15.07 15.54 -10.19
CA PRO A 201 -15.38 15.13 -11.56
C PRO A 201 -16.34 13.93 -11.56
N PRO A 202 -17.40 13.99 -12.38
CA PRO A 202 -18.42 12.95 -12.45
C PRO A 202 -17.84 11.57 -12.76
N GLU A 203 -16.70 11.55 -13.45
CA GLU A 203 -16.03 10.31 -13.81
C GLU A 203 -15.63 9.50 -12.59
N LEU A 204 -15.44 10.17 -11.46
CA LEU A 204 -15.11 9.51 -10.20
C LEU A 204 -16.21 8.53 -9.81
N GLY A 205 -17.44 8.80 -10.26
CA GLY A 205 -18.56 7.92 -10.02
C GLY A 205 -18.38 6.54 -10.62
N ASN A 206 -17.50 6.43 -11.62
CA ASN A 206 -17.19 5.13 -12.23
C ASN A 206 -16.49 4.20 -11.24
N LEU A 207 -15.86 4.80 -10.24
CA LEU A 207 -15.23 4.04 -9.16
C LEU A 207 -16.22 3.82 -8.02
N ASP A 208 -15.91 2.84 -7.18
CA ASP A 208 -16.74 2.55 -6.02
C ASP A 208 -15.86 2.30 -4.79
N LEU A 209 -15.86 3.27 -3.87
CA LEU A 209 -15.03 3.17 -2.67
C LEU A 209 -15.88 3.12 -1.42
N THR A 210 -17.01 2.42 -1.49
CA THR A 210 -17.95 2.35 -0.38
C THR A 210 -17.78 1.08 0.43
N GLY A 211 -16.89 0.20 -0.02
CA GLY A 211 -16.66 -1.07 0.65
C GLY A 211 -16.06 -0.91 2.03
N GLN A 212 -16.23 -1.93 2.87
CA GLN A 212 -15.69 -1.90 4.22
C GLN A 212 -14.17 -1.95 4.21
N LYS A 213 -13.62 -2.54 3.15
CA LYS A 213 -12.17 -2.64 2.98
C LYS A 213 -11.63 -1.43 2.24
N GLN A 214 -12.54 -0.57 1.78
CA GLN A 214 -12.16 0.60 1.00
C GLN A 214 -12.22 1.88 1.83
N VAL A 215 -11.52 2.92 1.36
CA VAL A 215 -11.39 4.16 2.10
C VAL A 215 -11.57 5.40 1.22
N PHE A 216 -12.45 6.31 1.64
CA PHE A 216 -12.56 7.60 0.98
C PHE A 216 -12.70 8.73 1.99
N LYS A 217 -11.58 9.37 2.30
CA LYS A 217 -11.57 10.51 3.20
C LYS A 217 -11.46 11.80 2.40
N ALA A 218 -12.31 12.78 2.71
CA ALA A 218 -12.35 14.01 1.94
C ALA A 218 -12.81 15.22 2.73
N GLU A 219 -12.59 15.20 4.04
CA GLU A 219 -12.98 16.32 4.89
C GLU A 219 -12.05 17.52 4.69
N ASN A 220 -12.40 18.64 5.32
CA ASN A 220 -11.61 19.88 5.25
C ASN A 220 -11.40 20.37 3.81
N ASN A 221 -12.47 20.32 3.02
CA ASN A 221 -12.48 20.88 1.68
C ASN A 221 -13.67 21.81 1.50
N PRO A 222 -13.46 22.94 0.79
CA PRO A 222 -14.55 23.88 0.53
C PRO A 222 -15.53 23.37 -0.51
N TRP A 223 -16.17 22.23 -0.22
CA TRP A 223 -17.13 21.64 -1.15
C TRP A 223 -18.32 22.55 -1.35
N VAL A 224 -18.94 22.46 -2.52
CA VAL A 224 -20.19 23.16 -2.76
C VAL A 224 -21.27 22.52 -1.89
N THR A 225 -22.29 23.30 -1.55
CA THR A 225 -23.31 22.90 -0.58
C THR A 225 -23.93 21.51 -0.82
N PRO A 226 -24.40 21.22 -2.07
CA PRO A 226 -25.05 19.91 -2.23
C PRO A 226 -24.12 18.73 -1.99
N ILE A 227 -22.87 18.85 -2.44
CA ILE A 227 -21.87 17.81 -2.21
C ILE A 227 -21.64 17.61 -0.72
N ALA A 228 -21.59 18.71 0.02
CA ALA A 228 -21.42 18.67 1.47
C ALA A 228 -22.60 17.95 2.12
N ASP A 229 -23.79 18.21 1.62
CA ASP A 229 -25.00 17.54 2.10
C ASP A 229 -24.92 16.04 1.86
N GLN A 230 -24.50 15.66 0.66
CA GLN A 230 -24.35 14.26 0.31
C GLN A 230 -23.28 13.59 1.19
N PHE A 231 -22.27 14.36 1.58
CA PHE A 231 -21.27 13.86 2.52
C PHE A 231 -21.88 13.64 3.89
N GLN A 232 -22.79 14.55 4.28
CA GLN A 232 -23.50 14.42 5.53
C GLN A 232 -24.43 13.22 5.50
N LEU A 233 -24.81 12.79 4.30
CA LEU A 233 -25.65 11.61 4.14
C LEU A 233 -24.83 10.32 4.09
N GLY A 234 -23.66 10.38 3.45
CA GLY A 234 -22.80 9.22 3.36
C GLY A 234 -22.03 9.14 2.04
N VAL A 235 -21.00 8.30 2.02
CA VAL A 235 -20.17 8.14 0.84
C VAL A 235 -20.96 7.58 -0.34
N SER A 236 -21.82 6.61 -0.06
CA SER A 236 -22.68 6.01 -1.08
C SER A 236 -23.56 7.08 -1.73
N HIS A 237 -24.08 7.98 -0.91
CA HIS A 237 -24.90 9.08 -1.41
C HIS A 237 -24.09 10.05 -2.26
N VAL A 238 -22.81 10.22 -1.90
CA VAL A 238 -21.92 11.07 -2.67
C VAL A 238 -21.69 10.49 -4.07
N PHE A 239 -21.26 9.24 -4.11
CA PHE A 239 -21.01 8.56 -5.38
C PHE A 239 -22.27 8.45 -6.23
N GLU A 240 -23.42 8.26 -5.58
CA GLU A 240 -24.68 8.19 -6.29
C GLU A 240 -25.06 9.56 -6.85
N TYR A 241 -24.69 10.62 -6.13
CA TYR A 241 -25.02 11.98 -6.52
C TYR A 241 -24.16 12.47 -7.67
N ILE A 242 -22.88 12.11 -7.65
CA ILE A 242 -21.95 12.57 -8.68
C ILE A 242 -22.16 11.83 -10.01
N ARG A 243 -23.05 10.84 -10.01
CA ARG A 243 -23.40 10.11 -11.22
C ARG A 243 -24.64 10.70 -11.88
N SER A 244 -25.37 11.51 -11.12
CA SER A 244 -26.67 12.03 -11.56
C SER A 244 -26.55 13.07 -12.66
N GLU A 245 -27.62 13.21 -13.44
CA GLU A 245 -27.67 14.14 -14.56
C GLU A 245 -27.66 15.59 -14.09
N THR A 246 -28.45 15.87 -13.06
CA THR A 246 -28.52 17.21 -12.47
C THR A 246 -27.13 17.68 -12.06
N TYR A 247 -26.35 16.79 -11.46
CA TYR A 247 -25.00 17.12 -11.03
C TYR A 247 -24.06 17.28 -12.22
N LYS A 248 -24.33 16.55 -13.30
CA LYS A 248 -23.54 16.70 -14.51
C LYS A 248 -23.74 18.10 -15.10
N TYR A 249 -25.00 18.51 -15.18
CA TYR A 249 -25.33 19.85 -15.65
C TYR A 249 -24.72 20.91 -14.75
N LEU A 250 -24.84 20.70 -13.44
CA LEU A 250 -24.29 21.63 -12.45
C LEU A 250 -22.78 21.77 -12.60
N TYR A 251 -22.12 20.64 -12.82
CA TYR A 251 -20.67 20.61 -13.05
C TYR A 251 -20.31 21.39 -14.30
N GLY A 252 -21.09 21.19 -15.35
CA GLY A 252 -20.90 21.91 -16.60
C GLY A 252 -21.06 23.40 -16.43
N ARG A 253 -21.97 23.80 -15.54
CA ARG A 253 -22.18 25.21 -15.24
C ARG A 253 -21.04 25.79 -14.40
N HIS A 254 -20.49 24.96 -13.51
CA HIS A 254 -19.40 25.38 -12.64
C HIS A 254 -18.12 25.57 -13.44
N MET A 255 -17.94 24.74 -14.46
CA MET A 255 -16.76 24.85 -15.31
C MET A 255 -16.83 26.10 -16.19
N GLN A 256 -18.00 26.37 -16.75
CA GLN A 256 -18.18 27.54 -17.61
C GLN A 256 -18.29 28.82 -16.79
N GLY B 6 -13.87 -53.07 10.74
CA GLY B 6 -14.41 -53.64 9.51
C GLY B 6 -14.29 -52.70 8.33
N VAL B 7 -15.42 -52.08 7.97
CA VAL B 7 -15.46 -51.16 6.84
C VAL B 7 -15.31 -49.70 7.29
N PRO B 8 -14.68 -48.86 6.46
CA PRO B 8 -14.48 -47.42 6.72
C PRO B 8 -15.78 -46.71 7.09
N ILE B 9 -15.68 -45.67 7.91
CA ILE B 9 -16.85 -44.94 8.39
C ILE B 9 -16.74 -43.43 8.08
N CYS B 10 -17.84 -42.86 7.58
CA CYS B 10 -17.89 -41.44 7.23
C CYS B 10 -17.58 -40.54 8.42
N GLY B 11 -16.99 -39.38 8.14
CA GLY B 11 -16.59 -38.46 9.18
C GLY B 11 -17.48 -37.24 9.25
N ALA B 12 -18.52 -37.23 8.42
CA ALA B 12 -19.46 -36.12 8.37
C ALA B 12 -20.73 -36.45 9.16
N CYS B 13 -21.35 -37.57 8.85
CA CYS B 13 -22.56 -38.00 9.52
C CYS B 13 -22.29 -39.09 10.55
N ARG B 14 -21.06 -39.59 10.54
CA ARG B 14 -20.63 -40.66 11.44
C ARG B 14 -21.51 -41.91 11.30
N ARG B 15 -21.57 -42.45 10.09
CA ARG B 15 -22.27 -43.71 9.83
C ARG B 15 -21.48 -44.57 8.86
N PRO B 16 -21.58 -45.91 9.02
CA PRO B 16 -20.85 -46.86 8.17
C PRO B 16 -21.19 -46.73 6.68
N ILE B 17 -20.22 -47.08 5.84
CA ILE B 17 -20.38 -47.06 4.39
C ILE B 17 -20.49 -48.48 3.85
N GLU B 18 -21.15 -48.65 2.72
CA GLU B 18 -21.29 -49.97 2.09
C GLU B 18 -20.89 -49.92 0.62
N GLY B 19 -20.99 -48.73 0.02
CA GLY B 19 -20.74 -48.56 -1.39
C GLY B 19 -19.44 -47.83 -1.68
N ARG B 20 -19.54 -46.73 -2.42
CA ARG B 20 -18.36 -45.97 -2.83
C ARG B 20 -17.75 -45.21 -1.65
N VAL B 21 -16.46 -45.44 -1.42
CA VAL B 21 -15.74 -44.73 -0.37
C VAL B 21 -14.82 -43.67 -0.95
N VAL B 22 -15.08 -42.41 -0.62
CA VAL B 22 -14.19 -41.31 -1.00
C VAL B 22 -13.10 -41.19 0.08
N ASN B 23 -11.90 -40.77 -0.32
CA ASN B 23 -10.80 -40.61 0.61
C ASN B 23 -10.19 -39.21 0.54
N ALA B 24 -10.26 -38.47 1.65
CA ALA B 24 -9.78 -37.10 1.65
C ALA B 24 -9.35 -36.63 3.04
N MET B 25 -8.23 -35.91 3.08
CA MET B 25 -7.75 -35.29 4.31
C MET B 25 -7.56 -36.30 5.44
N GLY B 26 -7.21 -37.52 5.07
CA GLY B 26 -7.00 -38.60 6.03
C GLY B 26 -8.28 -39.34 6.34
N LYS B 27 -9.41 -38.65 6.29
CA LYS B 27 -10.68 -39.27 6.64
C LYS B 27 -11.42 -39.83 5.43
N GLN B 28 -12.26 -40.81 5.67
CA GLN B 28 -13.12 -41.39 4.64
C GLN B 28 -14.41 -40.61 4.56
N TRP B 29 -15.06 -40.65 3.40
CA TRP B 29 -16.25 -39.85 3.16
C TRP B 29 -17.28 -40.54 2.28
N HIS B 30 -18.54 -40.41 2.67
CA HIS B 30 -19.65 -40.74 1.78
C HIS B 30 -19.64 -39.72 0.64
N VAL B 31 -19.96 -40.18 -0.55
CA VAL B 31 -19.82 -39.34 -1.75
C VAL B 31 -20.75 -38.12 -1.72
N GLU B 32 -21.94 -38.31 -1.17
CA GLU B 32 -22.91 -37.23 -1.07
C GLU B 32 -22.67 -36.37 0.17
N HIS B 33 -21.88 -36.87 1.10
CA HIS B 33 -21.63 -36.16 2.36
C HIS B 33 -20.32 -35.36 2.35
N PHE B 34 -19.52 -35.57 1.33
CA PHE B 34 -18.29 -34.82 1.13
C PHE B 34 -18.61 -33.50 0.46
N VAL B 35 -18.83 -32.47 1.26
CA VAL B 35 -19.32 -31.22 0.72
C VAL B 35 -18.43 -30.02 1.06
N CYS B 36 -18.60 -28.94 0.31
CA CYS B 36 -17.92 -27.69 0.61
C CYS B 36 -18.58 -27.07 1.83
N ALA B 37 -17.83 -26.25 2.55
CA ALA B 37 -18.34 -25.67 3.80
C ALA B 37 -19.16 -24.41 3.55
N LYS B 38 -19.01 -23.82 2.38
CA LYS B 38 -19.81 -22.65 2.00
C LYS B 38 -21.13 -23.11 1.37
N CYS B 39 -21.09 -23.40 0.07
CA CYS B 39 -22.24 -24.00 -0.59
C CYS B 39 -22.26 -25.49 -0.23
N GLU B 40 -23.44 -26.02 0.06
CA GLU B 40 -23.54 -27.40 0.52
C GLU B 40 -23.44 -28.41 -0.62
N LYS B 41 -22.90 -27.96 -1.76
CA LYS B 41 -22.71 -28.82 -2.91
C LYS B 41 -21.62 -29.84 -2.66
N PRO B 42 -21.83 -31.09 -3.12
CA PRO B 42 -20.83 -32.14 -3.05
C PRO B 42 -19.77 -31.98 -4.14
N PHE B 43 -18.62 -32.61 -3.96
CA PHE B 43 -17.55 -32.55 -4.96
C PHE B 43 -17.75 -33.62 -6.03
N LEU B 44 -18.11 -34.83 -5.58
CA LEU B 44 -18.45 -35.94 -6.46
C LEU B 44 -17.34 -36.33 -7.43
N GLY B 45 -16.10 -35.99 -7.09
CA GLY B 45 -14.96 -36.32 -7.93
C GLY B 45 -14.10 -35.13 -8.26
N HIS B 46 -14.68 -33.94 -8.26
CA HIS B 46 -13.93 -32.72 -8.52
C HIS B 46 -12.95 -32.43 -7.39
N ARG B 47 -11.88 -31.70 -7.73
CA ARG B 47 -10.80 -31.43 -6.78
C ARG B 47 -11.26 -30.55 -5.62
N HIS B 48 -10.81 -30.90 -4.42
CA HIS B 48 -11.11 -30.13 -3.23
C HIS B 48 -9.93 -29.22 -2.86
N TYR B 49 -10.18 -28.29 -1.94
CA TYR B 49 -9.13 -27.38 -1.51
C TYR B 49 -9.09 -27.29 0.02
N GLU B 50 -8.08 -27.93 0.61
CA GLU B 50 -7.96 -28.02 2.05
C GLU B 50 -7.54 -26.68 2.68
N ARG B 51 -8.13 -26.37 3.83
CA ARG B 51 -7.84 -25.12 4.52
C ARG B 51 -8.12 -25.24 6.01
N LYS B 52 -7.05 -25.45 6.79
CA LYS B 52 -7.13 -25.54 8.25
C LYS B 52 -8.05 -26.64 8.76
N GLY B 53 -8.39 -27.61 7.91
CA GLY B 53 -9.19 -28.74 8.33
C GLY B 53 -10.39 -29.04 7.46
N LEU B 54 -10.85 -28.04 6.70
CA LEU B 54 -12.01 -28.23 5.84
C LEU B 54 -11.62 -28.18 4.36
N ALA B 55 -12.59 -28.44 3.49
CA ALA B 55 -12.37 -28.40 2.06
C ALA B 55 -13.40 -27.53 1.36
N TYR B 56 -13.00 -26.94 0.23
CA TYR B 56 -13.87 -26.03 -0.51
C TYR B 56 -13.80 -26.29 -2.01
N CYS B 57 -14.79 -25.78 -2.73
CA CYS B 57 -14.79 -25.85 -4.19
C CYS B 57 -13.76 -24.86 -4.75
N GLU B 58 -13.67 -24.79 -6.07
CA GLU B 58 -12.63 -24.02 -6.74
C GLU B 58 -12.76 -22.52 -6.53
N THR B 59 -14.00 -22.03 -6.49
CA THR B 59 -14.24 -20.59 -6.45
C THR B 59 -14.30 -20.04 -5.02
N HIS B 60 -15.01 -20.74 -4.13
CA HIS B 60 -15.16 -20.31 -2.75
C HIS B 60 -13.81 -20.15 -2.04
N TYR B 61 -12.91 -21.10 -2.28
CA TYR B 61 -11.56 -21.04 -1.71
C TYR B 61 -10.83 -19.80 -2.22
N ASN B 62 -11.08 -19.43 -3.48
CA ASN B 62 -10.51 -18.22 -4.04
C ASN B 62 -11.14 -16.98 -3.44
N GLN B 63 -12.37 -17.11 -2.97
CA GLN B 63 -13.10 -15.96 -2.41
C GLN B 63 -12.73 -15.68 -0.95
N LEU B 64 -12.54 -16.73 -0.17
CA LEU B 64 -12.40 -16.57 1.27
C LEU B 64 -11.01 -16.87 1.82
N PHE B 65 -10.03 -17.07 0.92
CA PHE B 65 -8.67 -17.33 1.35
C PHE B 65 -7.68 -16.54 0.50
N GLY B 66 -8.21 -15.62 -0.30
CA GLY B 66 -7.41 -14.86 -1.25
C GLY B 66 -6.95 -13.52 -0.73
N ASP B 67 -6.74 -13.42 0.57
CA ASP B 67 -6.19 -12.20 1.16
C ASP B 67 -4.75 -11.99 0.69
N VAL B 68 -4.45 -10.79 0.24
CA VAL B 68 -3.15 -10.48 -0.31
C VAL B 68 -2.32 -9.62 0.64
N CYS B 69 -1.09 -10.03 0.88
CA CYS B 69 -0.18 -9.27 1.74
C CYS B 69 0.15 -7.91 1.12
N PHE B 70 0.13 -6.87 1.95
CA PHE B 70 0.38 -5.51 1.48
C PHE B 70 1.85 -5.27 1.20
N HIS B 71 2.72 -6.06 1.83
CA HIS B 71 4.16 -5.88 1.69
C HIS B 71 4.72 -6.61 0.48
N CYS B 72 4.65 -7.94 0.50
CA CYS B 72 5.26 -8.75 -0.54
C CYS B 72 4.34 -8.96 -1.75
N ASN B 73 3.11 -8.48 -1.65
CA ASN B 73 2.13 -8.55 -2.74
C ASN B 73 1.87 -9.98 -3.22
N ARG B 74 1.92 -10.93 -2.30
CA ARG B 74 1.63 -12.33 -2.62
C ARG B 74 0.49 -12.85 -1.76
N VAL B 75 -0.18 -13.90 -2.23
CA VAL B 75 -1.30 -14.50 -1.51
C VAL B 75 -0.81 -15.17 -0.23
N ILE B 76 -1.38 -14.76 0.91
CA ILE B 76 -0.97 -15.30 2.20
C ILE B 76 -1.39 -16.75 2.34
N GLU B 77 -0.44 -17.60 2.73
CA GLU B 77 -0.71 -19.02 2.93
C GLU B 77 -0.83 -19.37 4.41
N GLY B 78 -0.11 -18.63 5.24
CA GLY B 78 -0.16 -18.83 6.69
C GLY B 78 -1.26 -18.00 7.31
N ASP B 79 -1.11 -17.70 8.60
CA ASP B 79 -2.08 -16.88 9.32
C ASP B 79 -2.05 -15.45 8.79
N VAL B 80 -3.23 -14.84 8.75
CA VAL B 80 -3.39 -13.50 8.18
C VAL B 80 -3.55 -12.44 9.28
N VAL B 81 -2.80 -11.35 9.16
CA VAL B 81 -2.93 -10.22 10.08
C VAL B 81 -3.77 -9.12 9.46
N SER B 82 -4.98 -8.92 9.99
CA SER B 82 -5.90 -7.92 9.45
C SER B 82 -5.88 -6.63 10.27
N ALA B 83 -5.56 -5.52 9.60
CA ALA B 83 -5.53 -4.21 10.26
C ALA B 83 -5.63 -3.09 9.24
N LEU B 84 -6.36 -2.03 9.60
CA LEU B 84 -6.48 -0.83 8.78
C LEU B 84 -6.91 -1.13 7.35
N ASN B 85 -7.98 -1.91 7.21
CA ASN B 85 -8.53 -2.31 5.91
C ASN B 85 -7.51 -3.03 5.02
N LYS B 86 -6.45 -3.54 5.63
CA LYS B 86 -5.43 -4.25 4.87
C LYS B 86 -4.97 -5.53 5.57
N ALA B 87 -4.19 -6.34 4.86
CA ALA B 87 -3.73 -7.62 5.39
C ALA B 87 -2.22 -7.80 5.22
N TRP B 88 -1.60 -8.44 6.20
CA TRP B 88 -0.17 -8.73 6.16
C TRP B 88 0.10 -10.19 6.50
N CYS B 89 1.20 -10.72 5.98
CA CYS B 89 1.72 -12.00 6.44
C CYS B 89 2.28 -11.80 7.83
N VAL B 90 2.36 -12.88 8.61
CA VAL B 90 2.88 -12.80 9.97
C VAL B 90 4.32 -12.30 9.99
N ASN B 91 5.11 -12.76 9.02
CA ASN B 91 6.52 -12.41 8.95
C ASN B 91 6.80 -11.16 8.12
N CYS B 92 5.75 -10.56 7.57
CA CYS B 92 5.92 -9.37 6.73
C CYS B 92 5.43 -8.11 7.42
N PHE B 93 4.54 -8.27 8.40
CA PHE B 93 3.97 -7.13 9.10
C PHE B 93 5.03 -6.37 9.87
N ALA B 94 5.20 -5.09 9.52
CA ALA B 94 6.21 -4.24 10.14
C ALA B 94 5.81 -2.77 10.08
N CYS B 95 6.53 -1.94 10.80
CA CYS B 95 6.29 -0.50 10.78
C CYS B 95 6.60 0.06 9.40
N SER B 96 5.76 0.97 8.92
CA SER B 96 5.91 1.51 7.58
C SER B 96 7.02 2.55 7.50
N THR B 97 7.55 2.95 8.65
CA THR B 97 8.54 4.02 8.70
C THR B 97 9.92 3.56 9.15
N CYS B 98 10.00 2.38 9.77
CA CYS B 98 11.30 1.86 10.22
C CYS B 98 11.45 0.38 9.95
N ASN B 99 10.42 -0.23 9.36
CA ASN B 99 10.43 -1.63 8.95
C ASN B 99 10.71 -2.62 10.07
N THR B 100 10.49 -2.20 11.31
CA THR B 100 10.62 -3.09 12.45
C THR B 100 9.40 -3.99 12.54
N LYS B 101 9.62 -5.29 12.64
CA LYS B 101 8.55 -6.28 12.72
C LYS B 101 7.56 -5.96 13.83
N LEU B 102 6.28 -6.20 13.56
CA LEU B 102 5.23 -5.86 14.52
C LEU B 102 4.18 -6.95 14.65
N THR B 103 3.40 -6.88 15.72
CA THR B 103 2.21 -7.71 15.88
C THR B 103 1.04 -6.80 16.26
N LEU B 104 -0.17 -7.34 16.29
CA LEU B 104 -1.34 -6.55 16.67
C LEU B 104 -1.32 -6.22 18.16
N LYS B 105 -0.44 -6.91 18.90
CA LYS B 105 -0.28 -6.66 20.32
C LYS B 105 0.63 -5.46 20.56
N ASN B 106 1.28 -5.00 19.51
CA ASN B 106 2.10 -3.80 19.58
C ASN B 106 1.25 -2.54 19.41
N LYS B 107 1.71 -1.44 20.01
CA LYS B 107 0.97 -0.18 19.94
C LYS B 107 1.47 0.70 18.80
N PHE B 108 0.86 0.54 17.63
CA PHE B 108 1.18 1.38 16.49
C PHE B 108 0.04 2.35 16.22
N VAL B 109 0.32 3.37 15.41
CA VAL B 109 -0.67 4.38 15.08
C VAL B 109 -1.05 4.30 13.60
N GLU B 110 -2.26 4.78 13.29
CA GLU B 110 -2.73 4.85 11.92
C GLU B 110 -2.35 6.18 11.29
N PHE B 111 -1.62 6.10 10.18
CA PHE B 111 -1.22 7.28 9.44
C PHE B 111 -1.47 7.05 7.96
N ASP B 112 -2.51 7.69 7.44
CA ASP B 112 -2.99 7.42 6.08
C ASP B 112 -3.21 5.92 5.88
N MET B 113 -3.84 5.31 6.88
CA MET B 113 -4.11 3.87 6.90
C MET B 113 -2.83 3.04 6.81
N LYS B 114 -1.74 3.57 7.33
CA LYS B 114 -0.48 2.82 7.43
C LYS B 114 -0.07 2.67 8.89
N PRO B 115 0.54 1.53 9.23
CA PRO B 115 1.01 1.33 10.60
C PRO B 115 2.34 2.06 10.88
N VAL B 116 2.37 2.83 11.96
CA VAL B 116 3.61 3.50 12.37
C VAL B 116 3.89 3.22 13.84
N CYS B 117 5.05 2.63 14.12
CA CYS B 117 5.41 2.27 15.49
C CYS B 117 5.46 3.51 16.39
N LYS B 118 5.27 3.30 17.69
CA LYS B 118 5.15 4.39 18.65
C LYS B 118 6.36 5.32 18.64
N LYS B 119 7.55 4.75 18.60
CA LYS B 119 8.79 5.53 18.63
C LYS B 119 8.87 6.47 17.42
N CYS B 120 8.59 5.91 16.24
CA CYS B 120 8.61 6.69 15.01
C CYS B 120 7.62 7.85 15.06
N TYR B 121 6.42 7.59 15.56
CA TYR B 121 5.40 8.63 15.66
C TYR B 121 5.81 9.67 16.69
N GLU B 122 6.58 9.25 17.69
CA GLU B 122 7.14 10.18 18.65
C GLU B 122 8.16 11.07 17.95
N LYS B 123 8.81 10.53 16.92
CA LYS B 123 9.77 11.30 16.15
C LYS B 123 9.12 12.22 15.10
N PHE B 124 7.80 12.19 15.01
CA PHE B 124 7.09 13.04 14.05
C PHE B 124 7.17 14.51 14.41
N PRO B 125 7.08 15.40 13.41
CA PRO B 125 7.04 16.84 13.64
C PRO B 125 5.82 17.23 14.49
N LEU B 126 5.98 18.26 15.31
CA LEU B 126 4.93 18.65 16.25
C LEU B 126 3.66 19.13 15.55
N GLU B 127 3.83 19.95 14.52
CA GLU B 127 2.69 20.51 13.81
C GLU B 127 1.87 19.40 13.15
N LEU B 128 2.56 18.37 12.67
CA LEU B 128 1.89 17.25 12.03
C LEU B 128 1.03 16.50 13.04
N LYS B 129 1.60 16.19 14.19
CA LYS B 129 0.87 15.47 15.23
C LYS B 129 -0.33 16.28 15.73
N LYS B 130 -0.12 17.59 15.89
CA LYS B 130 -1.19 18.48 16.31
C LYS B 130 -2.32 18.50 15.28
N ARG B 131 -1.96 18.44 14.00
CA ARG B 131 -2.96 18.41 12.94
C ARG B 131 -3.66 17.05 12.87
N LEU B 132 -2.94 15.99 13.22
CA LEU B 132 -3.48 14.65 13.17
C LEU B 132 -4.44 14.37 14.32
N LYS B 133 -4.25 15.10 15.41
CA LYS B 133 -5.19 15.04 16.53
C LYS B 133 -6.60 15.44 16.08
N LYS B 134 -6.68 16.47 15.25
CA LYS B 134 -7.95 17.05 14.85
C LYS B 134 -8.66 16.25 13.77
N LEU B 135 -7.89 15.50 12.98
CA LEU B 135 -8.46 14.68 11.91
C LEU B 135 -9.39 13.60 12.44
C1 MLI C . 10.84 17.49 8.09
C2 MLI C . 12.21 17.33 7.46
C3 MLI C . 11.01 17.91 9.53
O6 MLI C . 12.76 18.34 6.96
O7 MLI C . 12.74 16.20 7.48
O8 MLI C . 12.16 17.91 10.03
O9 MLI C . 9.99 18.24 10.17
C1 GOL D . 10.76 20.88 3.49
O1 GOL D . 10.25 21.88 2.65
C2 GOL D . 9.78 20.64 4.65
O2 GOL D . 9.62 19.26 4.84
C3 GOL D . 10.32 21.29 5.92
O3 GOL D . 9.38 21.15 6.95
ZN ZN E . -21.92 -40.11 5.34
ZN ZN F . -18.34 -24.03 -2.34
ZN ZN G . 3.95 -11.17 2.96
ZN ZN H . 8.73 2.57 13.31
#